data_5EJV
#
_entry.id   5EJV
#
_cell.length_a   63.139
_cell.length_b   63.139
_cell.length_c   160.441
_cell.angle_alpha   90.000
_cell.angle_beta   90.000
_cell.angle_gamma   90.000
#
_symmetry.space_group_name_H-M   'P 41'
#
loop_
_entity.id
_entity.type
_entity.pdbx_description
1 polymer 'Nuclear receptor ROR-gamma'
2 polymer 'EBI96 Coactivator Peptide'
3 non-polymer N-(2,2,2-TRIFLUOROETHYL)-N-{4-[2,2,2-TRIFLUORO-1-HYDROXY-1-(TRIFLUOROMETHYL)ETHYL]PHENYL}BENZENESULFONAMIDE
4 water water
#
loop_
_entity_poly.entity_id
_entity_poly.type
_entity_poly.pdbx_seq_one_letter_code
_entity_poly.pdbx_strand_id
1 'polypeptide(L)'
;GPTPEAPYASLTEIEHLVQSVCKSYRETCQLRLEDLLRQRSNIFSREEVTGYQRKSMWEMWERCAHHLTEAIQYVVEFAK
RLSGFMELCQNDQIVLLKAGAMEVVLVRMCRAYNADNRTVFFEGKYGGMELFRALGCSELISSIFDFSHSLSALHFSEDE
IALYTALVLINAHRPGLQEKRKVEQLQYNLELAFHHHLCKTHRQSILAKLPPKGKLRSLCSQHVERLQIFQHLHPIVVQA
AFPPLYKELFSTETESPVGLSK
;
A,B
2 'polypeptide(L)' VESEFPYLLSLLGEVSPQP C,D
#
loop_
_chem_comp.id
_chem_comp.type
_chem_comp.name
_chem_comp.formula
444 non-polymer N-(2,2,2-TRIFLUOROETHYL)-N-{4-[2,2,2-TRIFLUORO-1-HYDROXY-1-(TRIFLUOROMETHYL)ETHYL]PHENYL}BENZENESULFONAMIDE 'C17 H12 F9 N O3 S'
#
# COMPACT_ATOMS: atom_id res chain seq x y z
N PRO A 7 3.74 -38.13 0.73
CA PRO A 7 4.91 -37.64 -0.07
C PRO A 7 6.09 -36.96 0.73
N TYR A 8 5.84 -36.75 2.00
CA TYR A 8 6.80 -36.13 2.84
C TYR A 8 8.21 -36.77 2.90
N ALA A 9 9.18 -35.97 3.36
CA ALA A 9 10.58 -36.22 3.21
C ALA A 9 11.19 -37.14 4.29
N SER A 10 12.07 -38.00 3.86
CA SER A 10 12.81 -38.91 4.80
C SER A 10 13.88 -38.05 5.56
N LEU A 11 14.37 -38.62 6.65
CA LEU A 11 15.54 -38.11 7.33
C LEU A 11 16.75 -37.88 6.42
N THR A 12 16.99 -38.84 5.54
CA THR A 12 18.06 -38.65 4.53
C THR A 12 17.81 -37.46 3.63
N GLU A 13 16.58 -37.29 3.15
CA GLU A 13 16.26 -36.13 2.31
C GLU A 13 16.43 -34.84 3.09
N ILE A 14 16.01 -34.85 4.35
CA ILE A 14 16.24 -33.66 5.14
C ILE A 14 17.72 -33.33 5.39
N GLU A 15 18.53 -34.35 5.68
CA GLU A 15 19.99 -34.17 5.79
C GLU A 15 20.57 -33.62 4.46
N HIS A 16 20.14 -34.16 3.32
CA HIS A 16 20.56 -33.64 2.03
C HIS A 16 20.16 -32.18 1.85
N LEU A 17 18.97 -31.85 2.32
CA LEU A 17 18.48 -30.49 2.18
C LEU A 17 19.32 -29.48 3.01
N VAL A 18 19.71 -29.86 4.23
CA VAL A 18 20.63 -29.05 5.04
C VAL A 18 21.90 -28.75 4.23
N GLN A 19 22.49 -29.81 3.65
CA GLN A 19 23.74 -29.66 2.89
C GLN A 19 23.56 -28.73 1.70
N SER A 20 22.44 -28.90 0.99
CA SER A 20 22.14 -28.18 -0.24
C SER A 20 21.98 -26.69 0.03
N VAL A 21 21.16 -26.38 1.03
CA VAL A 21 20.94 -24.99 1.45
C VAL A 21 22.25 -24.33 1.92
N CYS A 22 23.06 -25.04 2.71
CA CYS A 22 24.31 -24.45 3.14
C CYS A 22 25.26 -24.13 1.97
N LYS A 23 25.38 -25.07 1.04
CA LYS A 23 26.13 -24.89 -0.22
C LYS A 23 25.65 -23.73 -1.07
N SER A 24 24.35 -23.57 -1.21
CA SER A 24 23.79 -22.48 -1.99
C SER A 24 24.18 -21.15 -1.38
N TYR A 25 24.14 -21.08 -0.05
CA TYR A 25 24.54 -19.87 0.65
C TYR A 25 26.03 -19.60 0.47
N ARG A 26 26.82 -20.66 0.74
CA ARG A 26 28.26 -20.55 0.52
C ARG A 26 28.66 -19.98 -0.83
N GLU A 27 27.94 -20.35 -1.87
CA GLU A 27 28.25 -19.95 -3.26
C GLU A 27 27.74 -18.56 -3.63
N THR A 28 26.90 -18.00 -2.76
CA THR A 28 26.25 -16.72 -3.06
C THR A 28 26.27 -15.74 -1.93
N CYS A 29 27.10 -15.93 -0.90
CA CYS A 29 27.12 -15.03 0.30
C CYS A 29 27.78 -13.65 0.02
N GLN A 30 28.37 -13.48 -1.19
CA GLN A 30 28.90 -12.23 -1.69
C GLN A 30 30.25 -11.84 -1.04
N LEU A 31 30.25 -11.64 0.28
CA LEU A 31 31.48 -11.42 0.99
C LEU A 31 31.76 -12.59 1.90
N ARG A 32 33.02 -12.98 1.98
CA ARG A 32 33.38 -14.04 2.85
C ARG A 32 33.51 -13.54 4.25
N LEU A 33 32.90 -14.24 5.18
CA LEU A 33 32.97 -13.85 6.62
C LEU A 33 34.39 -13.56 7.11
N GLU A 34 35.35 -14.42 6.81
CA GLU A 34 36.72 -14.23 7.25
C GLU A 34 37.31 -12.88 6.78
N ASP A 35 37.01 -12.53 5.55
CA ASP A 35 37.40 -11.21 4.97
C ASP A 35 36.79 -10.07 5.78
N LEU A 36 35.51 -10.19 6.09
CA LEU A 36 34.78 -9.12 6.80
C LEU A 36 35.36 -8.89 8.18
N LEU A 37 35.55 -9.97 8.90
CA LEU A 37 36.11 -9.93 10.28
C LEU A 37 37.54 -9.39 10.33
N ARG A 38 38.36 -9.79 9.38
CA ARG A 38 39.78 -9.36 9.38
C ARG A 38 39.97 -7.91 9.00
N GLN A 39 38.89 -7.30 8.53
CA GLN A 39 38.92 -5.90 8.10
C GLN A 39 38.25 -4.97 9.09
N ARG A 40 37.88 -5.51 10.25
CA ARG A 40 37.34 -4.67 11.35
C ARG A 40 38.21 -3.49 11.78
N SER A 41 39.53 -3.62 11.75
CA SER A 41 40.44 -2.49 12.16
C SER A 41 40.53 -1.39 11.09
N ASN A 42 40.02 -1.67 9.89
CA ASN A 42 40.04 -0.70 8.82
C ASN A 42 38.77 0.12 8.85
N ILE A 43 38.89 1.32 9.39
CA ILE A 43 37.81 2.21 9.73
C ILE A 43 38.01 3.54 9.03
N PHE A 44 36.92 4.07 8.47
CA PHE A 44 36.94 5.37 7.80
C PHE A 44 37.45 6.45 8.75
N SER A 45 38.43 7.24 8.28
CA SER A 45 38.97 8.32 9.09
C SER A 45 37.98 9.45 9.21
N ARG A 46 38.25 10.36 10.12
CA ARG A 46 37.37 11.52 10.30
C ARG A 46 37.24 12.27 8.99
N GLU A 47 38.32 12.37 8.20
CA GLU A 47 38.29 13.08 6.95
C GLU A 47 37.33 12.40 5.94
N GLU A 48 37.42 11.07 5.87
CA GLU A 48 36.60 10.29 4.96
C GLU A 48 35.10 10.35 5.34
N VAL A 49 34.80 10.28 6.64
CA VAL A 49 33.45 10.46 7.15
C VAL A 49 32.87 11.85 6.77
N THR A 50 33.65 12.88 7.00
CA THR A 50 33.30 14.22 6.55
C THR A 50 32.98 14.23 5.05
N GLY A 51 33.84 13.60 4.21
CA GLY A 51 33.58 13.42 2.79
C GLY A 51 32.17 12.88 2.50
N TYR A 52 31.83 11.80 3.18
CA TYR A 52 30.52 11.19 3.01
C TYR A 52 29.38 12.11 3.43
N GLN A 53 29.53 12.77 4.56
CA GLN A 53 28.49 13.65 5.08
C GLN A 53 28.27 14.86 4.19
N ARG A 54 29.29 15.25 3.46
CA ARG A 54 29.18 16.37 2.57
C ARG A 54 28.60 16.01 1.22
N LYS A 55 28.47 14.73 0.91
CA LYS A 55 27.89 14.33 -0.33
C LYS A 55 26.49 14.80 -0.37
N SER A 56 25.96 14.99 -1.55
CA SER A 56 24.55 15.35 -1.69
C SER A 56 23.60 14.14 -1.38
N MET A 57 22.41 14.49 -0.96
CA MET A 57 21.35 13.50 -0.62
C MET A 57 21.15 12.54 -1.80
N TRP A 58 20.98 13.08 -3.02
CA TRP A 58 20.71 12.26 -4.19
C TRP A 58 21.89 11.30 -4.49
N GLU A 59 23.11 11.77 -4.37
CA GLU A 59 24.27 10.91 -4.64
C GLU A 59 24.39 9.78 -3.62
N MET A 60 24.15 10.09 -2.36
CA MET A 60 24.18 9.06 -1.33
C MET A 60 23.06 8.02 -1.56
N TRP A 61 21.86 8.49 -1.91
CA TRP A 61 20.77 7.60 -2.23
C TRP A 61 21.09 6.69 -3.44
N GLU A 62 21.66 7.28 -4.48
CA GLU A 62 22.00 6.48 -5.63
C GLU A 62 23.09 5.40 -5.35
N ARG A 63 24.07 5.76 -4.55
CA ARG A 63 25.12 4.79 -4.10
C ARG A 63 24.52 3.63 -3.32
N CYS A 64 23.73 3.97 -2.31
CA CYS A 64 23.10 2.96 -1.50
C CYS A 64 22.15 2.06 -2.31
N ALA A 65 21.41 2.64 -3.28
CA ALA A 65 20.53 1.86 -4.17
C ALA A 65 21.36 0.88 -5.03
N HIS A 66 22.46 1.35 -5.60
CA HIS A 66 23.41 0.50 -6.31
C HIS A 66 23.86 -0.72 -5.45
N HIS A 67 24.37 -0.43 -4.26
CA HIS A 67 24.93 -1.48 -3.39
C HIS A 67 23.82 -2.45 -2.93
N LEU A 68 22.67 -1.91 -2.60
CA LEU A 68 21.55 -2.78 -2.26
C LEU A 68 21.18 -3.68 -3.42
N THR A 69 21.17 -3.12 -4.64
CA THR A 69 20.79 -3.88 -5.80
C THR A 69 21.76 -5.04 -6.04
N GLU A 70 23.05 -4.74 -5.88
CA GLU A 70 24.06 -5.80 -5.99
C GLU A 70 23.81 -6.89 -4.97
N ALA A 71 23.47 -6.53 -3.72
CA ALA A 71 23.19 -7.51 -2.65
C ALA A 71 21.97 -8.37 -3.04
N ILE A 72 20.94 -7.69 -3.57
CA ILE A 72 19.73 -8.34 -3.99
C ILE A 72 19.99 -9.38 -5.15
N GLN A 73 20.86 -9.02 -6.09
CA GLN A 73 21.23 -9.99 -7.10
C GLN A 73 21.82 -11.32 -6.53
N TYR A 74 22.55 -11.21 -5.45
CA TYR A 74 23.12 -12.41 -4.82
C TYR A 74 22.00 -13.22 -4.14
N VAL A 75 21.02 -12.51 -3.57
CA VAL A 75 19.88 -13.21 -2.98
C VAL A 75 19.08 -13.96 -4.06
N VAL A 76 18.91 -13.32 -5.21
CA VAL A 76 18.25 -14.00 -6.34
C VAL A 76 18.99 -15.28 -6.73
N GLU A 77 20.32 -15.22 -6.72
CA GLU A 77 21.16 -16.39 -7.08
C GLU A 77 21.00 -17.50 -6.04
N PHE A 78 20.99 -17.11 -4.76
CA PHE A 78 20.66 -17.99 -3.64
C PHE A 78 19.33 -18.70 -3.88
N ALA A 79 18.31 -17.92 -4.22
CA ALA A 79 16.96 -18.48 -4.49
C ALA A 79 17.03 -19.52 -5.64
N LYS A 80 17.71 -19.14 -6.72
CA LYS A 80 17.81 -20.01 -7.89
C LYS A 80 18.47 -21.38 -7.57
N ARG A 81 19.45 -21.40 -6.65
CA ARG A 81 20.17 -22.61 -6.22
C ARG A 81 19.49 -23.35 -5.08
N LEU A 82 18.43 -22.76 -4.53
CA LEU A 82 17.70 -23.41 -3.47
C LEU A 82 16.80 -24.54 -3.93
N SER A 83 17.02 -25.74 -3.43
CA SER A 83 16.20 -26.91 -3.71
C SER A 83 14.74 -26.62 -3.63
N GLY A 84 13.99 -26.82 -4.71
CA GLY A 84 12.54 -26.56 -4.74
C GLY A 84 12.04 -25.17 -5.09
N PHE A 85 12.95 -24.23 -5.24
CA PHE A 85 12.58 -22.91 -5.80
C PHE A 85 12.20 -23.00 -7.28
N MET A 86 12.97 -23.70 -8.07
CA MET A 86 12.69 -23.88 -9.46
C MET A 86 11.39 -24.61 -9.75
N GLU A 87 10.90 -25.33 -8.75
CA GLU A 87 9.64 -26.10 -8.84
C GLU A 87 8.45 -25.16 -8.65
N LEU A 88 8.67 -23.98 -8.06
CA LEU A 88 7.59 -23.02 -7.93
C LEU A 88 7.19 -22.43 -9.26
N CYS A 89 5.92 -22.08 -9.46
CA CYS A 89 5.58 -21.38 -10.72
C CYS A 89 6.28 -20.00 -10.74
N GLN A 90 6.42 -19.47 -11.92
CA GLN A 90 7.03 -18.17 -12.17
C GLN A 90 6.42 -17.04 -11.37
N ASN A 91 5.11 -16.97 -11.29
CA ASN A 91 4.40 -15.97 -10.47
C ASN A 91 4.84 -15.99 -9.02
N ASP A 92 4.84 -17.19 -8.43
CA ASP A 92 5.18 -17.34 -7.02
C ASP A 92 6.65 -17.04 -6.74
N GLN A 93 7.52 -17.39 -7.69
CA GLN A 93 8.95 -17.02 -7.59
C GLN A 93 9.08 -15.51 -7.40
N ILE A 94 8.35 -14.73 -8.21
CA ILE A 94 8.40 -13.27 -8.17
C ILE A 94 7.79 -12.73 -6.90
N VAL A 95 6.63 -13.25 -6.52
CA VAL A 95 5.98 -12.83 -5.26
C VAL A 95 6.94 -13.04 -4.07
N LEU A 96 7.58 -14.20 -3.99
CA LEU A 96 8.49 -14.50 -2.89
C LEU A 96 9.68 -13.58 -2.88
N LEU A 97 10.27 -13.34 -4.05
CA LEU A 97 11.48 -12.50 -4.11
C LEU A 97 11.14 -11.03 -3.89
N LYS A 98 10.06 -10.54 -4.49
CA LYS A 98 9.66 -9.16 -4.28
C LYS A 98 9.43 -8.86 -2.80
N ALA A 99 8.78 -9.78 -2.10
CA ALA A 99 8.48 -9.63 -0.69
C ALA A 99 9.71 -9.90 0.19
N GLY A 100 10.50 -10.90 -0.18
CA GLY A 100 11.56 -11.40 0.70
C GLY A 100 12.98 -11.01 0.48
N ALA A 101 13.31 -10.55 -0.73
CA ALA A 101 14.74 -10.31 -1.07
C ALA A 101 15.35 -9.30 -0.12
N MET A 102 14.73 -8.17 0.10
CA MET A 102 15.21 -7.15 0.98
C MET A 102 15.32 -7.68 2.42
N GLU A 103 14.35 -8.51 2.81
CA GLU A 103 14.34 -9.09 4.16
C GLU A 103 15.62 -9.91 4.36
N VAL A 104 15.94 -10.72 3.33
CA VAL A 104 17.14 -11.56 3.41
C VAL A 104 18.39 -10.69 3.52
N VAL A 105 18.44 -9.62 2.72
CA VAL A 105 19.59 -8.71 2.77
C VAL A 105 19.78 -8.11 4.16
N LEU A 106 18.69 -7.71 4.81
CA LEU A 106 18.73 -7.14 6.18
C LEU A 106 19.30 -8.14 7.16
N VAL A 107 18.95 -9.41 7.00
CA VAL A 107 19.52 -10.47 7.83
C VAL A 107 21.02 -10.69 7.51
N ARG A 108 21.34 -10.79 6.22
CA ARG A 108 22.73 -11.00 5.77
C ARG A 108 23.65 -9.85 6.25
N MET A 109 23.05 -8.67 6.45
CA MET A 109 23.84 -7.49 6.89
C MET A 109 24.54 -7.70 8.21
N CYS A 110 23.97 -8.52 9.10
CA CYS A 110 24.65 -8.68 10.40
C CYS A 110 26.11 -9.18 10.28
N ARG A 111 26.45 -9.94 9.21
CA ARG A 111 27.80 -10.37 8.98
C ARG A 111 28.80 -9.20 8.82
N ALA A 112 28.29 -8.08 8.31
CA ALA A 112 29.08 -6.94 7.97
C ALA A 112 28.97 -5.84 9.01
N TYR A 113 28.42 -6.21 10.17
CA TYR A 113 28.15 -5.28 11.29
C TYR A 113 29.06 -5.68 12.50
N ASN A 114 29.80 -4.70 13.00
CA ASN A 114 30.66 -4.87 14.18
C ASN A 114 30.02 -4.27 15.42
N ALA A 115 29.56 -5.15 16.29
CA ALA A 115 28.82 -4.69 17.51
C ALA A 115 29.74 -4.00 18.49
N ASP A 116 31.06 -4.26 18.40
CA ASP A 116 32.07 -3.65 19.30
C ASP A 116 32.09 -2.15 19.20
N ASN A 117 32.00 -1.62 17.97
CA ASN A 117 32.00 -0.16 17.79
C ASN A 117 30.85 0.36 16.96
N ARG A 118 29.83 -0.49 16.73
CA ARG A 118 28.62 -0.12 15.99
C ARG A 118 28.86 0.39 14.57
N THR A 119 29.68 -0.35 13.82
CA THR A 119 29.98 0.04 12.43
C THR A 119 29.55 -1.04 11.44
N VAL A 120 29.50 -0.68 10.17
CA VAL A 120 29.15 -1.58 9.07
C VAL A 120 30.24 -1.44 8.04
N PHE A 121 30.55 -2.55 7.36
CA PHE A 121 31.42 -2.53 6.19
C PHE A 121 30.73 -1.88 5.01
N PHE A 122 31.25 -0.76 4.53
CA PHE A 122 30.62 -0.08 3.40
C PHE A 122 31.69 0.58 2.56
N GLU A 123 31.66 0.30 1.27
CA GLU A 123 32.66 0.80 0.28
C GLU A 123 34.08 0.67 0.78
N GLY A 124 34.40 -0.48 1.31
CA GLY A 124 35.80 -0.87 1.59
C GLY A 124 36.30 -0.65 2.99
N LYS A 125 35.57 0.05 3.84
CA LYS A 125 35.99 0.25 5.23
C LYS A 125 34.76 0.24 6.16
N TYR A 126 35.02 0.10 7.46
CA TYR A 126 33.96 0.15 8.46
C TYR A 126 33.63 1.57 8.90
N GLY A 127 32.36 1.87 8.94
CA GLY A 127 31.86 3.19 9.38
C GLY A 127 30.59 3.14 10.18
N GLY A 128 30.37 4.09 11.08
CA GLY A 128 29.15 4.19 11.89
C GLY A 128 27.99 4.77 11.12
N MET A 129 26.86 4.88 11.83
CA MET A 129 25.64 5.46 11.20
C MET A 129 25.86 6.84 10.66
N GLU A 130 26.74 7.64 11.29
CA GLU A 130 26.96 9.03 10.85
C GLU A 130 27.41 9.13 9.38
N LEU A 131 27.99 8.06 8.86
CA LEU A 131 28.40 8.05 7.45
C LEU A 131 27.19 8.34 6.53
N PHE A 132 26.01 8.03 7.02
CA PHE A 132 24.80 8.00 6.19
C PHE A 132 23.93 9.25 6.40
N ARG A 133 24.50 10.26 7.06
CA ARG A 133 23.69 11.44 7.42
C ARG A 133 22.97 12.09 6.18
N ALA A 134 23.69 12.13 5.06
CA ALA A 134 23.20 12.81 3.87
C ALA A 134 21.92 12.18 3.28
N LEU A 135 21.67 10.93 3.59
CA LEU A 135 20.45 10.27 3.14
C LEU A 135 19.20 10.89 3.69
N GLY A 136 19.27 11.53 4.86
CA GLY A 136 18.13 12.23 5.44
C GLY A 136 17.04 11.32 5.98
N CYS A 137 17.41 10.17 6.48
CA CYS A 137 16.42 9.23 7.05
C CYS A 137 17.02 8.55 8.25
N SER A 138 17.29 9.38 9.25
CA SER A 138 18.00 8.87 10.47
C SER A 138 17.25 7.76 11.18
N GLU A 139 15.94 7.82 11.17
CA GLU A 139 15.18 6.85 11.90
C GLU A 139 15.33 5.47 11.23
N LEU A 140 15.23 5.43 9.90
CA LEU A 140 15.45 4.20 9.15
C LEU A 140 16.86 3.64 9.43
N ILE A 141 17.89 4.51 9.33
CA ILE A 141 19.24 4.06 9.60
C ILE A 141 19.37 3.46 10.98
N SER A 142 18.82 4.18 11.98
CA SER A 142 18.82 3.68 13.34
C SER A 142 18.18 2.31 13.47
N SER A 143 17.02 2.13 12.83
CA SER A 143 16.32 0.83 12.80
C SER A 143 17.17 -0.25 12.22
N ILE A 144 17.86 0.07 11.12
CA ILE A 144 18.73 -0.92 10.52
C ILE A 144 19.88 -1.32 11.43
N PHE A 145 20.54 -0.32 12.03
CA PHE A 145 21.63 -0.66 12.98
C PHE A 145 21.14 -1.41 14.21
N ASP A 146 19.94 -1.04 14.70
CA ASP A 146 19.39 -1.78 15.85
C ASP A 146 19.14 -3.20 15.48
N PHE A 147 18.63 -3.45 14.25
CA PHE A 147 18.30 -4.81 13.88
C PHE A 147 19.57 -5.59 13.75
N SER A 148 20.62 -5.01 13.13
CA SER A 148 21.89 -5.72 13.07
C SER A 148 22.46 -6.01 14.44
N HIS A 149 22.25 -5.09 15.38
CA HIS A 149 22.76 -5.29 16.73
C HIS A 149 22.03 -6.47 17.41
N SER A 150 20.71 -6.56 17.18
CA SER A 150 19.96 -7.66 17.79
C SER A 150 20.43 -8.99 17.25
N LEU A 151 20.75 -9.03 15.95
CA LEU A 151 21.24 -10.28 15.35
C LEU A 151 22.63 -10.62 15.82
N SER A 152 23.46 -9.61 16.13
CA SER A 152 24.86 -9.87 16.50
C SER A 152 24.93 -10.72 17.77
N ALA A 153 23.92 -10.51 18.60
CA ALA A 153 23.82 -11.14 19.93
C ALA A 153 23.50 -12.61 19.85
N LEU A 154 22.95 -13.07 18.72
CA LEU A 154 22.68 -14.50 18.53
C LEU A 154 23.91 -15.26 18.11
N HIS A 155 24.90 -14.56 17.51
CA HIS A 155 26.13 -15.19 17.02
C HIS A 155 25.77 -16.32 16.06
N PHE A 156 24.95 -16.04 15.06
CA PHE A 156 24.66 -17.01 14.00
C PHE A 156 25.93 -17.61 13.45
N SER A 157 25.95 -18.92 13.21
CA SER A 157 26.91 -19.48 12.25
C SER A 157 26.48 -19.13 10.81
N GLU A 158 27.40 -19.31 9.89
CA GLU A 158 27.07 -19.22 8.45
C GLU A 158 25.98 -20.22 8.04
N ASP A 159 26.05 -21.44 8.56
CA ASP A 159 24.99 -22.44 8.25
C ASP A 159 23.64 -22.04 8.81
N GLU A 160 23.63 -21.45 10.00
CA GLU A 160 22.38 -20.92 10.58
C GLU A 160 21.78 -19.76 9.73
N ILE A 161 22.65 -18.87 9.25
CA ILE A 161 22.22 -17.77 8.42
C ILE A 161 21.60 -18.32 7.14
N ALA A 162 22.27 -19.32 6.58
CA ALA A 162 21.77 -20.00 5.38
C ALA A 162 20.37 -20.55 5.57
N LEU A 163 20.14 -21.29 6.64
CA LEU A 163 18.89 -21.99 6.85
C LEU A 163 17.79 -21.00 7.25
N TYR A 164 18.15 -20.00 8.05
CA TYR A 164 17.16 -19.01 8.42
C TYR A 164 16.74 -18.10 7.21
N THR A 165 17.71 -17.62 6.44
CA THR A 165 17.34 -16.82 5.26
C THR A 165 16.54 -17.60 4.23
N ALA A 166 16.80 -18.91 4.11
CA ALA A 166 15.94 -19.75 3.24
C ALA A 166 14.49 -19.63 3.63
N LEU A 167 14.22 -19.62 4.94
CA LEU A 167 12.85 -19.56 5.46
C LEU A 167 12.29 -18.16 5.34
N VAL A 168 13.15 -17.15 5.46
CA VAL A 168 12.70 -15.76 5.25
C VAL A 168 12.15 -15.65 3.81
N LEU A 169 12.82 -16.28 2.86
CA LEU A 169 12.40 -16.24 1.44
C LEU A 169 11.17 -17.14 1.19
N ILE A 170 11.24 -18.38 1.65
CA ILE A 170 10.15 -19.35 1.42
C ILE A 170 9.11 -19.26 2.57
N ASN A 171 8.30 -18.24 2.46
CA ASN A 171 7.30 -17.85 3.43
C ASN A 171 5.97 -17.97 2.72
N ALA A 172 5.20 -18.98 3.09
CA ALA A 172 3.90 -19.24 2.41
C ALA A 172 2.80 -18.22 2.71
N HIS A 173 3.08 -17.26 3.57
CA HIS A 173 2.02 -16.28 3.95
C HIS A 173 2.07 -15.03 3.12
N ARG A 174 2.95 -14.95 2.08
CA ARG A 174 2.94 -13.76 1.24
C ARG A 174 1.60 -13.69 0.49
N PRO A 175 0.92 -12.54 0.53
CA PRO A 175 -0.26 -12.34 -0.31
C PRO A 175 0.11 -12.46 -1.78
N GLY A 176 -0.77 -13.08 -2.57
CA GLY A 176 -0.56 -13.21 -4.00
C GLY A 176 -0.06 -14.51 -4.51
N LEU A 177 0.35 -15.41 -3.63
CA LEU A 177 0.85 -16.71 -4.07
C LEU A 177 -0.34 -17.45 -4.68
N GLN A 178 -0.10 -18.10 -5.81
CA GLN A 178 -1.13 -18.89 -6.50
C GLN A 178 -1.10 -20.36 -6.22
N GLU A 179 0.01 -20.88 -5.73
CA GLU A 179 0.11 -22.30 -5.36
C GLU A 179 0.60 -22.40 -3.91
N LYS A 180 -0.15 -21.82 -3.01
CA LYS A 180 0.14 -21.72 -1.61
C LYS A 180 0.61 -23.09 -1.03
N ARG A 181 -0.11 -24.15 -1.36
CA ARG A 181 0.20 -25.46 -0.80
C ARG A 181 1.61 -25.96 -1.12
N LYS A 182 2.08 -25.70 -2.33
CA LYS A 182 3.40 -26.09 -2.72
C LYS A 182 4.44 -25.30 -1.86
N VAL A 183 4.18 -24.00 -1.64
CA VAL A 183 5.08 -23.19 -0.86
C VAL A 183 5.06 -23.65 0.61
N GLU A 184 3.88 -24.02 1.10
CA GLU A 184 3.75 -24.52 2.50
C GLU A 184 4.62 -25.78 2.67
N GLN A 185 4.57 -26.68 1.70
CA GLN A 185 5.38 -27.91 1.74
C GLN A 185 6.88 -27.63 1.69
N LEU A 186 7.30 -26.70 0.81
CA LEU A 186 8.71 -26.36 0.74
C LEU A 186 9.15 -25.72 2.07
N GLN A 187 8.32 -24.80 2.58
CA GLN A 187 8.57 -24.12 3.84
C GLN A 187 8.70 -25.14 4.95
N TYR A 188 7.78 -26.09 5.00
CA TYR A 188 7.81 -27.07 6.11
C TYR A 188 9.12 -27.86 6.12
N ASN A 189 9.53 -28.32 4.95
CA ASN A 189 10.75 -29.10 4.82
C ASN A 189 11.99 -28.27 5.17
N LEU A 190 12.01 -27.02 4.72
CA LEU A 190 13.09 -26.11 5.15
C LEU A 190 13.10 -25.90 6.69
N GLU A 191 11.93 -25.82 7.30
CA GLU A 191 11.80 -25.75 8.75
C GLU A 191 12.39 -27.01 9.42
N LEU A 192 12.01 -28.16 8.89
CA LEU A 192 12.61 -29.40 9.38
C LEU A 192 14.11 -29.44 9.30
N ALA A 193 14.68 -29.01 8.15
CA ALA A 193 16.15 -28.87 7.94
C ALA A 193 16.76 -27.95 8.97
N PHE A 194 16.18 -26.76 9.18
CA PHE A 194 16.73 -25.75 10.12
C PHE A 194 16.72 -26.37 11.57
N HIS A 195 15.59 -26.96 11.91
CA HIS A 195 15.41 -27.52 13.24
C HIS A 195 16.35 -28.72 13.48
N HIS A 196 16.51 -29.57 12.45
CA HIS A 196 17.43 -30.70 12.47
C HIS A 196 18.86 -30.21 12.75
N HIS A 197 19.28 -29.22 12.00
CA HIS A 197 20.63 -28.68 12.15
C HIS A 197 20.84 -28.11 13.53
N LEU A 198 19.86 -27.41 14.03
CA LEU A 198 19.93 -26.82 15.35
C LEU A 198 19.98 -27.93 16.42
N CYS A 199 19.17 -28.97 16.23
CA CYS A 199 19.14 -30.07 17.18
C CYS A 199 20.56 -30.74 17.27
N LYS A 200 21.15 -31.03 16.12
CA LYS A 200 22.47 -31.68 16.03
C LYS A 200 23.61 -30.85 16.63
N THR A 201 23.44 -29.54 16.58
CA THR A 201 24.45 -28.57 17.05
C THR A 201 24.10 -27.99 18.41
N HIS A 202 23.06 -28.52 19.02
CA HIS A 202 22.61 -28.10 20.36
C HIS A 202 22.31 -26.60 20.43
N ARG A 203 21.62 -26.09 19.41
CA ARG A 203 21.33 -24.68 19.29
C ARG A 203 19.85 -24.39 19.16
N GLN A 204 18.99 -25.32 19.58
CA GLN A 204 17.55 -25.09 19.53
C GLN A 204 17.07 -23.85 20.36
N SER A 205 17.88 -23.47 21.36
CA SER A 205 17.57 -22.32 22.21
C SER A 205 17.49 -21.00 21.41
N ILE A 206 18.12 -20.95 20.23
CA ILE A 206 17.98 -19.74 19.43
C ILE A 206 16.56 -19.50 18.91
N LEU A 207 15.77 -20.56 18.77
CA LEU A 207 14.47 -20.40 18.19
C LEU A 207 13.63 -19.33 18.86
N ALA A 208 13.62 -19.35 20.19
CA ALA A 208 12.85 -18.40 21.00
C ALA A 208 13.37 -16.97 20.89
N LYS A 209 14.61 -16.83 20.47
CA LYS A 209 15.29 -15.55 20.35
C LYS A 209 15.21 -14.91 18.97
N LEU A 210 14.68 -15.63 17.98
CA LEU A 210 14.65 -15.10 16.59
C LEU A 210 13.77 -13.86 16.52
N PRO A 211 13.92 -13.06 15.52
CA PRO A 211 13.10 -11.88 15.42
C PRO A 211 11.63 -12.20 15.37
N PRO A 212 10.83 -11.43 16.09
CA PRO A 212 9.34 -11.57 16.06
C PRO A 212 8.81 -11.50 14.65
N LYS A 213 7.69 -12.15 14.39
CA LYS A 213 7.25 -12.32 12.97
C LYS A 213 7.25 -11.13 11.93
N GLY A 214 6.59 -10.03 12.28
CA GLY A 214 6.50 -8.90 11.41
C GLY A 214 7.55 -7.81 11.56
N LYS A 215 8.65 -8.13 12.24
CA LYS A 215 9.81 -7.23 12.38
C LYS A 215 10.45 -6.90 11.01
N LEU A 216 10.80 -7.95 10.27
CA LEU A 216 11.39 -7.79 8.97
C LEU A 216 10.46 -7.03 8.04
N ARG A 217 9.18 -7.36 8.09
CA ARG A 217 8.14 -6.67 7.33
C ARG A 217 8.10 -5.20 7.67
N SER A 218 8.16 -4.87 8.93
CA SER A 218 8.22 -3.48 9.34
C SER A 218 9.41 -2.70 8.76
N LEU A 219 10.62 -3.28 8.90
CA LEU A 219 11.80 -2.61 8.35
C LEU A 219 11.69 -2.44 6.88
N CYS A 220 11.16 -3.44 6.16
CA CYS A 220 10.99 -3.30 4.68
C CYS A 220 9.98 -2.31 4.28
N SER A 221 8.85 -2.26 5.01
CA SER A 221 7.84 -1.24 4.75
C SER A 221 8.36 0.17 4.98
N GLN A 222 9.19 0.36 5.99
CA GLN A 222 9.82 1.69 6.24
C GLN A 222 10.78 2.06 5.09
N HIS A 223 11.54 1.05 4.61
CA HIS A 223 12.46 1.31 3.52
C HIS A 223 11.70 1.81 2.32
N VAL A 224 10.60 1.12 1.99
CA VAL A 224 9.77 1.53 0.82
C VAL A 224 9.19 2.89 1.00
N GLU A 225 8.75 3.22 2.20
CA GLU A 225 8.19 4.55 2.47
C GLU A 225 9.21 5.61 2.22
N ARG A 226 10.42 5.44 2.80
CA ARG A 226 11.51 6.42 2.60
C ARG A 226 11.87 6.53 1.13
N LEU A 227 11.83 5.40 0.40
CA LEU A 227 12.15 5.41 -1.04
C LEU A 227 11.15 6.23 -1.79
N GLN A 228 9.88 6.02 -1.47
CA GLN A 228 8.78 6.83 -2.07
C GLN A 228 8.85 8.28 -1.79
N ILE A 229 9.28 8.67 -0.58
CA ILE A 229 9.47 10.09 -0.23
C ILE A 229 10.60 10.66 -1.06
N PHE A 230 11.72 9.92 -1.11
CA PHE A 230 12.83 10.33 -1.96
C PHE A 230 12.38 10.50 -3.43
N GLN A 231 11.76 9.44 -3.96
CA GLN A 231 11.35 9.40 -5.35
C GLN A 231 10.41 10.56 -5.68
N HIS A 232 9.51 10.86 -4.76
CA HIS A 232 8.62 12.00 -4.89
C HIS A 232 9.40 13.32 -5.00
N LEU A 233 10.45 13.45 -4.18
CA LEU A 233 11.24 14.72 -4.16
C LEU A 233 12.24 14.78 -5.31
N HIS A 234 12.75 13.62 -5.79
CA HIS A 234 13.75 13.59 -6.86
C HIS A 234 13.45 12.56 -7.95
N PRO A 235 12.29 12.68 -8.63
CA PRO A 235 11.84 11.62 -9.55
C PRO A 235 12.74 11.39 -10.76
N ILE A 236 13.44 12.40 -11.20
CA ILE A 236 14.32 12.24 -12.37
C ILE A 236 15.60 11.47 -12.02
N VAL A 237 16.09 11.66 -10.81
CA VAL A 237 17.28 10.94 -10.33
C VAL A 237 16.99 9.41 -10.34
N VAL A 238 15.82 9.04 -9.85
CA VAL A 238 15.44 7.63 -9.80
C VAL A 238 15.37 7.06 -11.23
N GLN A 239 14.72 7.79 -12.12
CA GLN A 239 14.66 7.43 -13.54
C GLN A 239 16.01 7.28 -14.23
N ALA A 240 16.86 8.24 -13.96
CA ALA A 240 18.14 8.38 -14.70
C ALA A 240 19.24 7.53 -14.07
N ALA A 241 19.21 7.32 -12.76
CA ALA A 241 20.40 6.74 -12.13
C ALA A 241 20.21 5.63 -11.15
N PHE A 242 19.03 5.11 -10.88
CA PHE A 242 18.79 3.93 -10.06
C PHE A 242 18.69 2.68 -10.97
N PRO A 243 19.21 1.56 -10.44
CA PRO A 243 19.19 0.31 -11.28
C PRO A 243 17.75 -0.10 -11.63
N PRO A 244 17.47 -0.52 -12.83
CA PRO A 244 16.15 -1.07 -13.20
C PRO A 244 15.56 -2.12 -12.25
N LEU A 245 16.41 -2.99 -11.76
CA LEU A 245 15.97 -4.05 -10.85
C LEU A 245 15.39 -3.46 -9.58
N TYR A 246 16.07 -2.43 -9.09
CA TYR A 246 15.65 -1.68 -7.89
C TYR A 246 14.30 -1.05 -8.10
N LYS A 247 14.10 -0.39 -9.24
CA LYS A 247 12.79 0.21 -9.57
C LYS A 247 11.69 -0.87 -9.61
N GLU A 248 11.95 -1.98 -10.29
CA GLU A 248 11.00 -3.08 -10.37
C GLU A 248 10.63 -3.64 -8.99
N LEU A 249 11.64 -3.85 -8.17
CA LEU A 249 11.40 -4.29 -6.80
C LEU A 249 10.60 -3.30 -5.92
N PHE A 250 10.86 -2.02 -6.07
CA PHE A 250 10.52 -1.02 -5.01
C PHE A 250 9.79 0.21 -5.48
N SER A 251 9.57 0.36 -6.75
CA SER A 251 9.23 1.76 -7.26
C SER A 251 7.78 2.21 -7.01
N GLU B 4 5.52 -7.97 -15.57
CA GLU B 4 5.99 -6.55 -15.47
C GLU B 4 7.34 -6.47 -14.79
N PHE B 5 8.19 -7.45 -15.08
CA PHE B 5 9.38 -7.69 -14.26
C PHE B 5 10.52 -8.19 -15.10
N PRO B 6 10.90 -7.43 -16.13
CA PRO B 6 11.81 -8.03 -17.12
C PRO B 6 13.23 -8.33 -16.63
N TYR B 7 13.75 -7.44 -15.79
CA TYR B 7 15.09 -7.64 -15.21
C TYR B 7 15.09 -8.77 -14.15
N LEU B 8 14.02 -8.86 -13.39
CA LEU B 8 13.89 -9.95 -12.47
C LEU B 8 13.80 -11.27 -13.23
N LEU B 9 12.99 -11.36 -14.29
CA LEU B 9 12.92 -12.61 -15.07
C LEU B 9 14.25 -12.87 -15.73
N SER B 10 14.89 -11.86 -16.27
CA SER B 10 16.22 -12.07 -16.88
C SER B 10 17.19 -12.75 -15.87
N LEU B 11 17.11 -12.41 -14.57
CA LEU B 11 18.08 -12.95 -13.58
C LEU B 11 17.74 -14.32 -13.26
N LEU B 12 16.44 -14.55 -13.11
CA LEU B 12 15.90 -15.89 -12.93
C LEU B 12 16.20 -16.81 -14.12
N GLY B 13 16.21 -16.27 -15.34
CA GLY B 13 16.62 -17.04 -16.51
C GLY B 13 18.11 -17.22 -16.79
N GLU B 14 19.03 -16.43 -16.20
CA GLU B 14 20.49 -16.43 -16.60
C GLU B 14 21.17 -17.82 -16.55
N TYR C 8 -31.26 -18.28 -0.18
CA TYR C 8 -30.21 -18.28 0.86
C TYR C 8 -28.78 -18.41 0.26
N ALA C 9 -27.94 -17.39 0.47
CA ALA C 9 -26.50 -17.58 0.34
C ALA C 9 -25.85 -18.40 1.48
N SER C 10 -24.64 -18.90 1.22
CA SER C 10 -23.89 -19.61 2.21
C SER C 10 -22.71 -18.77 2.74
N LEU C 11 -22.07 -19.23 3.80
CA LEU C 11 -20.92 -18.58 4.38
C LEU C 11 -19.82 -18.47 3.35
N THR C 12 -19.60 -19.51 2.57
CA THR C 12 -18.58 -19.46 1.49
C THR C 12 -18.91 -18.36 0.46
N GLU C 13 -20.16 -18.30 0.01
CA GLU C 13 -20.58 -17.26 -0.94
C GLU C 13 -20.38 -15.84 -0.34
N ILE C 14 -20.70 -15.68 0.94
CA ILE C 14 -20.49 -14.38 1.60
C ILE C 14 -19.02 -14.01 1.70
N GLU C 15 -18.19 -14.99 2.07
CA GLU C 15 -16.72 -14.78 2.11
C GLU C 15 -16.22 -14.40 0.72
N HIS C 16 -16.68 -15.08 -0.33
CA HIS C 16 -16.25 -14.70 -1.68
C HIS C 16 -16.73 -13.26 -2.06
N LEU C 17 -17.95 -12.93 -1.65
CA LEU C 17 -18.48 -11.57 -1.87
C LEU C 17 -17.62 -10.45 -1.21
N VAL C 18 -17.13 -10.70 -0.01
CA VAL C 18 -16.21 -9.76 0.68
C VAL C 18 -15.00 -9.52 -0.19
N GLN C 19 -14.38 -10.60 -0.67
CA GLN C 19 -13.21 -10.52 -1.56
C GLN C 19 -13.54 -9.77 -2.86
N SER C 20 -14.69 -10.09 -3.45
CA SER C 20 -15.12 -9.48 -4.70
C SER C 20 -15.28 -7.94 -4.52
N VAL C 21 -16.00 -7.54 -3.47
CA VAL C 21 -16.26 -6.13 -3.19
C VAL C 21 -14.92 -5.35 -2.93
N CYS C 22 -14.06 -5.98 -2.14
CA CYS C 22 -12.77 -5.39 -1.86
C CYS C 22 -11.95 -5.17 -3.11
N LYS C 23 -11.99 -6.14 -4.02
CA LYS C 23 -11.26 -6.04 -5.31
C LYS C 23 -11.84 -4.92 -6.18
N SER C 24 -13.17 -4.89 -6.30
CA SER C 24 -13.86 -3.86 -7.09
C SER C 24 -13.48 -2.47 -6.61
N TYR C 25 -13.42 -2.31 -5.29
CA TYR C 25 -12.98 -1.05 -4.71
C TYR C 25 -11.51 -0.76 -5.06
N ARG C 26 -10.63 -1.75 -4.85
CA ARG C 26 -9.17 -1.59 -5.13
C ARG C 26 -8.92 -1.08 -6.55
N GLU C 27 -9.66 -1.64 -7.49
CA GLU C 27 -9.58 -1.34 -8.92
C GLU C 27 -10.11 0.01 -9.32
N THR C 28 -10.88 0.66 -8.44
CA THR C 28 -11.63 1.91 -8.78
C THR C 28 -11.48 3.01 -7.73
N CYS C 29 -10.49 2.86 -6.83
CA CYS C 29 -10.40 3.77 -5.69
C CYS C 29 -9.86 5.17 -6.11
N GLN C 30 -9.38 5.32 -7.35
CA GLN C 30 -9.03 6.65 -7.91
C GLN C 30 -7.65 7.18 -7.45
N LEU C 31 -7.52 7.37 -6.15
CA LEU C 31 -6.25 7.73 -5.53
C LEU C 31 -5.81 6.63 -4.60
N ARG C 32 -4.52 6.36 -4.58
CA ARG C 32 -3.95 5.33 -3.68
C ARG C 32 -3.80 5.93 -2.29
N LEU C 33 -4.20 5.16 -1.28
CA LEU C 33 -4.05 5.60 0.09
C LEU C 33 -2.60 5.99 0.42
N GLU C 34 -1.66 5.19 -0.09
CA GLU C 34 -0.22 5.42 0.11
C GLU C 34 0.24 6.77 -0.41
N ASP C 35 -0.18 7.14 -1.62
CA ASP C 35 0.03 8.47 -2.21
C ASP C 35 -0.58 9.60 -1.33
N LEU C 36 -1.83 9.41 -0.89
CA LEU C 36 -2.47 10.43 -0.07
C LEU C 36 -1.76 10.66 1.27
N LEU C 37 -1.32 9.58 1.91
CA LEU C 37 -0.59 9.65 3.18
C LEU C 37 0.74 10.36 2.98
N ARG C 38 1.43 10.04 1.90
CA ARG C 38 2.75 10.58 1.62
C ARG C 38 2.72 12.07 1.37
N GLN C 39 1.58 12.58 0.92
CA GLN C 39 1.46 13.99 0.55
C GLN C 39 0.90 14.87 1.68
N ARG C 40 0.76 14.31 2.87
CA ARG C 40 0.31 15.09 4.02
C ARG C 40 1.16 16.32 4.31
N SER C 41 2.45 16.22 4.10
CA SER C 41 3.39 17.32 4.37
C SER C 41 3.37 18.40 3.26
N ASN C 42 2.65 18.10 2.19
CA ASN C 42 2.58 18.97 1.02
C ASN C 42 1.30 19.82 1.08
N ILE C 43 1.44 21.04 1.61
CA ILE C 43 0.37 21.92 2.04
C ILE C 43 0.41 23.22 1.25
N PHE C 44 -0.74 23.68 0.72
CA PHE C 44 -0.83 25.05 0.19
C PHE C 44 -0.32 26.12 1.19
N SER C 45 0.52 27.00 0.66
CA SER C 45 1.01 28.16 1.41
C SER C 45 -0.14 29.17 1.57
N ARG C 46 0.04 30.12 2.44
CA ARG C 46 -0.88 31.23 2.62
C ARG C 46 -1.16 31.96 1.28
N GLU C 47 -0.11 32.23 0.48
CA GLU C 47 -0.26 32.94 -0.79
C GLU C 47 -1.10 32.12 -1.77
N GLU C 48 -0.91 30.80 -1.73
CA GLU C 48 -1.65 29.88 -2.61
C GLU C 48 -3.11 29.87 -2.26
N VAL C 49 -3.39 29.79 -0.97
CA VAL C 49 -4.75 29.90 -0.46
C VAL C 49 -5.42 31.22 -0.86
N THR C 50 -4.76 32.34 -0.65
CA THR C 50 -5.24 33.63 -1.12
C THR C 50 -5.61 33.62 -2.61
N GLY C 51 -4.76 32.99 -3.42
CA GLY C 51 -4.99 32.82 -4.84
C GLY C 51 -6.32 32.16 -5.15
N TYR C 52 -6.62 31.09 -4.44
CA TYR C 52 -7.94 30.41 -4.58
C TYR C 52 -9.08 31.28 -4.09
N GLN C 53 -8.87 32.00 -3.02
CA GLN C 53 -9.93 32.82 -2.49
C GLN C 53 -10.25 34.01 -3.35
N ARG C 54 -9.33 34.38 -4.19
CA ARG C 54 -9.48 35.50 -5.08
C ARG C 54 -10.15 35.11 -6.37
N LYS C 55 -10.27 33.83 -6.61
CA LYS C 55 -10.90 33.33 -7.79
C LYS C 55 -12.35 33.72 -7.77
N SER C 56 -13.00 33.81 -8.91
CA SER C 56 -14.46 34.09 -8.95
C SER C 56 -15.24 32.89 -8.39
N MET C 57 -16.41 33.17 -7.89
CA MET C 57 -17.38 32.14 -7.53
C MET C 57 -17.58 31.13 -8.67
N TRP C 58 -17.82 31.62 -9.88
CA TRP C 58 -18.17 30.75 -11.02
C TRP C 58 -16.94 29.90 -11.37
N GLU C 59 -15.72 30.40 -11.31
CA GLU C 59 -14.56 29.62 -11.68
C GLU C 59 -14.34 28.48 -10.65
N MET C 60 -14.47 28.81 -9.37
CA MET C 60 -14.33 27.80 -8.32
C MET C 60 -15.42 26.76 -8.41
N TRP C 61 -16.66 27.17 -8.66
CA TRP C 61 -17.79 26.21 -8.88
C TRP C 61 -17.49 25.26 -10.05
N GLU C 62 -17.03 25.82 -11.15
CA GLU C 62 -16.81 25.00 -12.32
C GLU C 62 -15.64 24.00 -12.10
N ARG C 63 -14.62 24.47 -11.41
CA ARG C 63 -13.50 23.58 -11.06
C ARG C 63 -13.97 22.43 -10.16
N CYS C 64 -14.72 22.76 -9.14
CA CYS C 64 -15.19 21.75 -8.19
C CYS C 64 -16.13 20.79 -8.89
N ALA C 65 -16.97 21.27 -9.78
CA ALA C 65 -17.94 20.39 -10.52
C ALA C 65 -17.12 19.44 -11.39
N HIS C 66 -16.04 19.87 -11.99
CA HIS C 66 -15.22 19.00 -12.79
C HIS C 66 -14.56 17.91 -11.94
N HIS C 67 -14.00 18.28 -10.82
CA HIS C 67 -13.38 17.30 -9.89
C HIS C 67 -14.38 16.29 -9.33
N LEU C 68 -15.55 16.79 -8.94
CA LEU C 68 -16.65 15.92 -8.47
C LEU C 68 -17.09 14.93 -9.54
N THR C 69 -17.21 15.42 -10.77
CA THR C 69 -17.60 14.59 -11.92
C THR C 69 -16.58 13.43 -12.15
N GLU C 70 -15.29 13.76 -12.15
CA GLU C 70 -14.21 12.77 -12.17
C GLU C 70 -14.37 11.67 -11.08
N ALA C 71 -14.58 12.09 -9.84
CA ALA C 71 -14.83 11.17 -8.71
C ALA C 71 -16.07 10.31 -8.94
N ILE C 72 -17.15 10.94 -9.41
CA ILE C 72 -18.36 10.18 -9.68
C ILE C 72 -18.14 9.14 -10.78
N GLN C 73 -17.31 9.47 -11.77
CA GLN C 73 -16.96 8.46 -12.79
C GLN C 73 -16.32 7.17 -12.21
N TYR C 74 -15.48 7.33 -11.20
CA TYR C 74 -14.89 6.17 -10.54
C TYR C 74 -15.94 5.37 -9.77
N VAL C 75 -16.91 6.09 -9.18
CA VAL C 75 -17.99 5.41 -8.49
C VAL C 75 -18.89 4.60 -9.46
N VAL C 76 -19.11 5.14 -10.66
CA VAL C 76 -19.87 4.37 -11.65
C VAL C 76 -19.08 3.10 -12.00
N GLU C 77 -17.78 3.21 -12.22
CA GLU C 77 -16.92 2.03 -12.43
C GLU C 77 -16.98 0.99 -11.26
N PHE C 78 -16.84 1.48 -10.01
CA PHE C 78 -17.07 0.67 -8.82
C PHE C 78 -18.41 -0.11 -8.95
N ALA C 79 -19.52 0.61 -9.20
CA ALA C 79 -20.84 0.01 -9.39
C ALA C 79 -20.84 -1.10 -10.46
N LYS C 80 -20.30 -0.80 -11.65
CA LYS C 80 -20.25 -1.75 -12.77
C LYS C 80 -19.44 -2.99 -12.42
N ARG C 81 -18.47 -2.86 -11.50
CA ARG C 81 -17.70 -4.06 -11.11
C ARG C 81 -18.28 -4.83 -9.92
N LEU C 82 -19.35 -4.27 -9.36
CA LEU C 82 -19.90 -4.69 -8.08
C LEU C 82 -20.82 -5.89 -8.30
N SER C 83 -20.56 -6.99 -7.55
CA SER C 83 -21.31 -8.21 -7.73
C SER C 83 -22.80 -7.89 -7.69
N GLY C 84 -23.53 -8.27 -8.73
CA GLY C 84 -24.98 -8.12 -8.70
C GLY C 84 -25.58 -6.80 -9.18
N PHE C 85 -24.77 -5.75 -9.29
CA PHE C 85 -25.29 -4.47 -9.72
C PHE C 85 -25.76 -4.44 -11.19
N MET C 86 -24.90 -4.94 -12.06
CA MET C 86 -25.23 -5.02 -13.51
C MET C 86 -26.32 -6.06 -13.83
N GLU C 87 -26.69 -6.87 -12.84
CA GLU C 87 -27.83 -7.80 -12.95
C GLU C 87 -29.15 -7.09 -12.72
N LEU C 88 -29.14 -5.91 -12.10
CA LEU C 88 -30.37 -5.14 -11.85
C LEU C 88 -30.80 -4.53 -13.17
N CYS C 89 -32.03 -4.09 -13.27
CA CYS C 89 -32.53 -3.50 -14.50
C CYS C 89 -31.97 -2.11 -14.67
N GLN C 90 -31.95 -1.62 -15.91
CA GLN C 90 -31.32 -0.29 -16.15
C GLN C 90 -31.95 0.81 -15.31
N ASN C 91 -33.26 0.82 -15.13
CA ASN C 91 -33.95 1.79 -14.31
C ASN C 91 -33.38 1.84 -12.88
N ASP C 92 -33.23 0.66 -12.29
CA ASP C 92 -32.71 0.58 -10.94
C ASP C 92 -31.24 0.97 -10.83
N GLN C 93 -30.43 0.59 -11.79
CA GLN C 93 -29.03 1.02 -11.85
C GLN C 93 -28.96 2.56 -11.83
N ILE C 94 -29.75 3.19 -12.70
CA ILE C 94 -29.83 4.65 -12.75
C ILE C 94 -30.29 5.30 -11.42
N VAL C 95 -31.38 4.78 -10.86
CA VAL C 95 -31.94 5.28 -9.60
C VAL C 95 -30.89 5.20 -8.47
N LEU C 96 -30.21 4.08 -8.35
CA LEU C 96 -29.20 3.87 -7.28
C LEU C 96 -28.01 4.81 -7.49
N LEU C 97 -27.51 4.92 -8.73
CA LEU C 97 -26.40 5.86 -9.02
C LEU C 97 -26.76 7.33 -8.85
N LYS C 98 -27.94 7.72 -9.33
CA LYS C 98 -28.36 9.12 -9.19
C LYS C 98 -28.48 9.55 -7.73
N ALA C 99 -29.00 8.68 -6.88
CA ALA C 99 -29.14 8.97 -5.45
C ALA C 99 -27.83 8.77 -4.67
N GLY C 100 -27.03 7.81 -5.10
CA GLY C 100 -25.94 7.26 -4.29
C GLY C 100 -24.54 7.66 -4.65
N ALA C 101 -24.32 8.04 -5.92
CA ALA C 101 -22.94 8.34 -6.38
C ALA C 101 -22.28 9.48 -5.54
N MET C 102 -22.96 10.59 -5.33
CA MET C 102 -22.46 11.66 -4.48
C MET C 102 -22.23 11.23 -3.00
N GLU C 103 -23.12 10.43 -2.44
CA GLU C 103 -22.97 9.89 -1.09
C GLU C 103 -21.66 9.06 -0.99
N VAL C 104 -21.41 8.26 -2.02
CA VAL C 104 -20.20 7.44 -2.06
C VAL C 104 -18.92 8.32 -2.13
N VAL C 105 -18.94 9.34 -3.00
CA VAL C 105 -17.82 10.26 -3.07
C VAL C 105 -17.54 10.91 -1.71
N LEU C 106 -18.60 11.35 -1.04
CA LEU C 106 -18.45 11.99 0.29
C LEU C 106 -17.81 11.05 1.29
N VAL C 107 -18.21 9.78 1.31
CA VAL C 107 -17.52 8.80 2.16
C VAL C 107 -16.02 8.62 1.74
N ARG C 108 -15.78 8.41 0.45
CA ARG C 108 -14.43 8.28 -0.13
C ARG C 108 -13.52 9.47 0.22
N MET C 109 -14.13 10.63 0.41
CA MET C 109 -13.38 11.83 0.80
C MET C 109 -12.52 11.68 2.05
N CYS C 110 -12.96 10.86 3.02
CA CYS C 110 -12.21 10.78 4.27
C CYS C 110 -10.80 10.21 4.06
N ARG C 111 -10.55 9.49 2.97
CA ARG C 111 -9.22 9.02 2.62
C ARG C 111 -8.28 10.18 2.34
N ALA C 112 -8.86 11.25 1.78
CA ALA C 112 -8.09 12.39 1.29
C ALA C 112 -8.16 13.53 2.30
N TYR C 113 -8.61 13.20 3.48
CA TYR C 113 -8.78 14.16 4.58
C TYR C 113 -7.85 13.84 5.75
N ASN C 114 -7.20 14.86 6.27
CA ASN C 114 -6.22 14.69 7.40
C ASN C 114 -6.75 15.42 8.62
N ALA C 115 -7.18 14.65 9.60
CA ALA C 115 -7.82 15.18 10.82
C ALA C 115 -6.90 16.02 11.74
N ASP C 116 -5.58 15.82 11.64
CA ASP C 116 -4.59 16.48 12.50
C ASP C 116 -4.67 18.00 12.29
N ASN C 117 -4.70 18.39 11.01
CA ASN C 117 -4.69 19.78 10.65
C ASN C 117 -5.93 20.19 9.87
N ARG C 118 -6.89 19.26 9.77
CA ARG C 118 -8.18 19.54 9.07
C ARG C 118 -8.00 19.97 7.62
N THR C 119 -7.15 19.27 6.92
CA THR C 119 -6.97 19.59 5.45
C THR C 119 -7.51 18.47 4.56
N VAL C 120 -7.84 18.85 3.33
CA VAL C 120 -8.12 17.88 2.28
C VAL C 120 -7.19 18.01 1.11
N PHE C 121 -6.91 16.88 0.45
CA PHE C 121 -6.15 16.83 -0.81
C PHE C 121 -6.95 17.34 -1.98
N PHE C 122 -6.50 18.47 -2.56
CA PHE C 122 -7.19 19.09 -3.69
C PHE C 122 -6.24 19.76 -4.63
N GLU C 123 -6.34 19.42 -5.91
CA GLU C 123 -5.42 20.00 -6.97
C GLU C 123 -3.96 19.91 -6.58
N GLY C 124 -3.57 18.79 -6.02
CA GLY C 124 -2.15 18.45 -5.78
C GLY C 124 -1.58 18.74 -4.41
N LYS C 125 -2.25 19.55 -3.58
CA LYS C 125 -1.83 19.80 -2.24
C LYS C 125 -2.96 19.69 -1.21
N TYR C 126 -2.60 19.62 0.07
CA TYR C 126 -3.54 19.71 1.14
C TYR C 126 -3.88 21.14 1.48
N GLY C 127 -5.17 21.48 1.57
CA GLY C 127 -5.60 22.78 2.11
C GLY C 127 -6.81 22.65 3.00
N GLY C 128 -7.03 23.68 3.82
CA GLY C 128 -8.21 23.76 4.69
C GLY C 128 -9.41 24.25 3.97
N MET C 129 -10.49 24.37 4.75
CA MET C 129 -11.82 24.84 4.33
C MET C 129 -11.73 26.18 3.64
N GLU C 130 -10.80 27.01 4.14
CA GLU C 130 -10.61 28.38 3.65
C GLU C 130 -10.32 28.38 2.12
N LEU C 131 -9.85 27.30 1.54
CA LEU C 131 -9.62 27.27 0.09
C LEU C 131 -10.86 27.43 -0.73
N PHE C 132 -11.94 27.02 -0.15
CA PHE C 132 -13.25 26.93 -0.88
C PHE C 132 -14.17 28.14 -0.70
N ARG C 133 -13.64 29.16 -0.08
CA ARG C 133 -14.39 30.33 0.24
C ARG C 133 -15.15 30.96 -0.89
N ALA C 134 -14.54 31.04 -2.04
CA ALA C 134 -15.18 31.69 -3.19
C ALA C 134 -16.48 30.97 -3.66
N LEU C 135 -16.66 29.71 -3.29
CA LEU C 135 -17.91 29.02 -3.59
C LEU C 135 -19.15 29.72 -2.98
N GLY C 136 -18.96 30.42 -1.87
CA GLY C 136 -20.09 31.15 -1.28
C GLY C 136 -21.15 30.25 -0.69
N CYS C 137 -20.75 29.11 -0.16
CA CYS C 137 -21.67 28.19 0.54
C CYS C 137 -20.99 27.61 1.77
N SER C 138 -20.77 28.53 2.71
CA SER C 138 -19.95 28.21 3.90
C SER C 138 -20.56 27.11 4.79
N GLU C 139 -21.88 27.03 4.92
CA GLU C 139 -22.52 26.03 5.72
C GLU C 139 -22.25 24.62 5.12
N LEU C 140 -22.43 24.49 3.80
CA LEU C 140 -22.17 23.21 3.13
C LEU C 140 -20.73 22.76 3.28
N ILE C 141 -19.79 23.70 3.01
CA ILE C 141 -18.39 23.34 3.16
C ILE C 141 -18.06 22.85 4.56
N SER C 142 -18.47 23.62 5.56
CA SER C 142 -18.27 23.22 6.97
C SER C 142 -18.87 21.88 7.30
N SER C 143 -20.08 21.63 6.79
CA SER C 143 -20.72 20.32 6.97
C SER C 143 -19.97 19.19 6.32
N ILE C 144 -19.41 19.42 5.14
CA ILE C 144 -18.60 18.37 4.45
C ILE C 144 -17.34 18.08 5.28
N PHE C 145 -16.71 19.14 5.76
CA PHE C 145 -15.50 18.93 6.55
C PHE C 145 -15.83 18.21 7.87
N ASP C 146 -16.96 18.58 8.46
CA ASP C 146 -17.38 17.95 9.71
C ASP C 146 -17.63 16.45 9.49
N PHE C 147 -18.26 16.15 8.35
CA PHE C 147 -18.56 14.78 8.02
C PHE C 147 -17.29 13.97 7.89
N SER C 148 -16.33 14.48 7.10
CA SER C 148 -15.00 13.85 6.96
C SER C 148 -14.29 13.65 8.31
N HIS C 149 -14.35 14.70 9.15
CA HIS C 149 -13.73 14.59 10.45
C HIS C 149 -14.35 13.44 11.25
N SER C 150 -15.67 13.37 11.24
CA SER C 150 -16.36 12.25 11.94
C SER C 150 -16.02 10.85 11.40
N LEU C 151 -15.87 10.71 10.08
CA LEU C 151 -15.40 9.44 9.51
C LEU C 151 -13.94 9.13 9.82
N SER C 152 -13.08 10.15 9.74
CA SER C 152 -11.68 9.96 10.11
C SER C 152 -11.55 9.31 11.49
N ALA C 153 -12.49 9.62 12.37
CA ALA C 153 -12.39 9.17 13.75
C ALA C 153 -12.68 7.67 13.83
N LEU C 154 -13.33 7.10 12.80
CA LEU C 154 -13.62 5.68 12.78
C LEU C 154 -12.39 4.91 12.40
N HIS C 155 -11.42 5.61 11.79
CA HIS C 155 -10.22 4.92 11.25
C HIS C 155 -10.53 3.67 10.38
N PHE C 156 -11.33 3.87 9.35
CA PHE C 156 -11.63 2.83 8.38
C PHE C 156 -10.41 2.23 7.74
N SER C 157 -10.37 0.91 7.59
CA SER C 157 -9.44 0.28 6.65
C SER C 157 -10.04 0.49 5.22
N GLU C 158 -9.19 0.27 4.21
CA GLU C 158 -9.64 0.17 2.84
C GLU C 158 -10.72 -0.85 2.63
N ASP C 159 -10.61 -2.00 3.29
CA ASP C 159 -11.64 -3.05 3.13
C ASP C 159 -12.98 -2.60 3.67
N GLU C 160 -12.95 -1.91 4.82
CA GLU C 160 -14.15 -1.38 5.45
C GLU C 160 -14.80 -0.34 4.59
N ILE C 161 -14.02 0.55 3.99
CA ILE C 161 -14.66 1.57 3.18
C ILE C 161 -15.28 0.92 1.91
N ALA C 162 -14.61 -0.12 1.41
CA ALA C 162 -15.15 -0.84 0.25
C ALA C 162 -16.53 -1.41 0.56
N LEU C 163 -16.61 -2.17 1.65
CA LEU C 163 -17.85 -2.82 2.08
C LEU C 163 -18.94 -1.80 2.44
N TYR C 164 -18.55 -0.75 3.19
CA TYR C 164 -19.50 0.29 3.59
C TYR C 164 -20.05 1.07 2.37
N THR C 165 -19.18 1.45 1.45
CA THR C 165 -19.66 2.20 0.27
C THR C 165 -20.51 1.35 -0.66
N ALA C 166 -20.26 0.05 -0.70
CA ALA C 166 -21.12 -0.86 -1.45
C ALA C 166 -22.57 -0.72 -0.92
N LEU C 167 -22.66 -0.65 0.40
CA LEU C 167 -23.98 -0.52 1.04
C LEU C 167 -24.61 0.86 0.87
N VAL C 168 -23.80 1.90 0.88
CA VAL C 168 -24.31 3.25 0.57
C VAL C 168 -24.98 3.24 -0.81
N LEU C 169 -24.37 2.52 -1.77
CA LEU C 169 -24.90 2.48 -3.12
C LEU C 169 -26.11 1.54 -3.24
N ILE C 170 -26.01 0.31 -2.73
CA ILE C 170 -27.08 -0.65 -2.86
C ILE C 170 -28.11 -0.36 -1.73
N ASN C 171 -29.02 0.55 -1.99
CA ASN C 171 -29.92 1.01 -0.98
C ASN C 171 -31.36 0.79 -1.45
N ALA C 172 -32.03 -0.17 -0.85
CA ALA C 172 -33.38 -0.61 -1.29
C ALA C 172 -34.48 0.38 -0.94
N HIS C 173 -34.15 1.45 -0.20
CA HIS C 173 -35.12 2.48 0.18
C HIS C 173 -35.17 3.66 -0.78
N ARG C 174 -34.45 3.60 -1.91
CA ARG C 174 -34.55 4.72 -2.85
C ARG C 174 -35.90 4.73 -3.54
N PRO C 175 -36.59 5.87 -3.55
CA PRO C 175 -37.78 6.13 -4.42
C PRO C 175 -37.54 5.85 -5.91
N GLY C 176 -38.49 5.24 -6.57
CA GLY C 176 -38.46 5.00 -8.02
C GLY C 176 -37.89 3.65 -8.45
N LEU C 177 -37.56 2.80 -7.51
CA LEU C 177 -37.09 1.45 -7.81
C LEU C 177 -38.23 0.58 -8.31
N GLN C 178 -37.96 -0.29 -9.29
CA GLN C 178 -38.96 -1.19 -9.89
C GLN C 178 -38.87 -2.68 -9.46
N GLU C 179 -37.66 -3.04 -8.99
CA GLU C 179 -37.43 -4.44 -8.62
C GLU C 179 -36.79 -4.41 -7.21
N LYS C 180 -37.60 -3.86 -6.29
CA LYS C 180 -37.16 -3.61 -4.94
C LYS C 180 -36.71 -4.89 -4.25
N ARG C 181 -37.41 -6.01 -4.51
CA ARG C 181 -37.04 -7.28 -3.87
C ARG C 181 -35.67 -7.69 -4.34
N LYS C 182 -35.37 -7.46 -5.62
CA LYS C 182 -34.09 -7.79 -6.19
C LYS C 182 -33.00 -6.97 -5.47
N VAL C 183 -33.29 -5.66 -5.29
CA VAL C 183 -32.29 -4.81 -4.66
C VAL C 183 -32.16 -5.10 -3.17
N GLU C 184 -33.28 -5.41 -2.51
CA GLU C 184 -33.26 -5.88 -1.10
C GLU C 184 -32.37 -7.06 -0.90
N GLN C 185 -32.41 -8.04 -1.80
CA GLN C 185 -31.59 -9.25 -1.64
C GLN C 185 -30.09 -8.93 -1.80
N LEU C 186 -29.80 -8.08 -2.80
CA LEU C 186 -28.42 -7.66 -2.98
C LEU C 186 -27.90 -6.93 -1.75
N GLN C 187 -28.69 -5.99 -1.25
CA GLN C 187 -28.36 -5.24 -0.03
C GLN C 187 -28.15 -6.17 1.09
N TYR C 188 -29.02 -7.12 1.29
CA TYR C 188 -28.90 -8.05 2.44
C TYR C 188 -27.59 -8.83 2.37
N ASN C 189 -27.28 -9.37 1.19
CA ASN C 189 -26.03 -10.11 1.05
C ASN C 189 -24.80 -9.18 1.29
N LEU C 190 -24.89 -7.95 0.83
CA LEU C 190 -23.83 -7.00 1.09
C LEU C 190 -23.73 -6.64 2.60
N GLU C 191 -24.87 -6.60 3.31
CA GLU C 191 -24.87 -6.39 4.77
C GLU C 191 -24.21 -7.56 5.48
N LEU C 192 -24.55 -8.76 5.01
CA LEU C 192 -23.88 -9.97 5.54
C LEU C 192 -22.40 -9.93 5.39
N ALA C 193 -21.91 -9.56 4.20
CA ALA C 193 -20.49 -9.42 3.89
C ALA C 193 -19.86 -8.41 4.83
N PHE C 194 -20.47 -7.21 4.91
CA PHE C 194 -19.94 -6.12 5.77
C PHE C 194 -19.85 -6.62 7.23
N HIS C 195 -20.95 -7.21 7.70
CA HIS C 195 -21.02 -7.59 9.09
C HIS C 195 -20.08 -8.78 9.41
N HIS C 196 -19.95 -9.72 8.49
CA HIS C 196 -19.04 -10.86 8.63
C HIS C 196 -17.66 -10.34 8.76
N HIS C 197 -17.26 -9.44 7.86
CA HIS C 197 -15.91 -8.89 7.90
C HIS C 197 -15.62 -8.17 9.20
N LEU C 198 -16.56 -7.34 9.65
CA LEU C 198 -16.39 -6.62 10.88
C LEU C 198 -16.30 -7.58 12.12
N CYS C 199 -17.17 -8.61 12.13
CA CYS C 199 -17.18 -9.56 13.23
C CYS C 199 -15.83 -10.31 13.35
N LYS C 200 -15.34 -10.75 12.20
CA LYS C 200 -14.09 -11.50 12.10
C LYS C 200 -12.90 -10.69 12.59
N THR C 201 -12.92 -9.38 12.31
CA THR C 201 -11.78 -8.47 12.61
C THR C 201 -12.00 -7.70 13.91
N HIS C 202 -12.99 -8.12 14.69
CA HIS C 202 -13.35 -7.51 15.98
C HIS C 202 -13.61 -6.02 15.87
N ARG C 203 -14.36 -5.65 14.84
CA ARG C 203 -14.64 -4.23 14.58
C ARG C 203 -16.16 -3.96 14.57
N GLN C 204 -16.97 -4.84 15.15
CA GLN C 204 -18.40 -4.57 15.27
C GLN C 204 -18.74 -3.24 15.95
N SER C 205 -17.90 -2.81 16.87
CA SER C 205 -18.15 -1.54 17.62
C SER C 205 -18.33 -0.31 16.72
N ILE C 206 -17.79 -0.36 15.48
CA ILE C 206 -17.91 0.83 14.61
C ILE C 206 -19.36 1.05 14.13
N LEU C 207 -20.15 -0.02 14.11
CA LEU C 207 -21.50 0.05 13.51
C LEU C 207 -22.38 1.12 14.16
N ALA C 208 -22.29 1.14 15.51
CA ALA C 208 -23.08 2.13 16.28
C ALA C 208 -22.61 3.55 16.04
N LYS C 209 -21.45 3.69 15.40
CA LYS C 209 -20.81 5.00 15.25
C LYS C 209 -20.89 5.56 13.84
N LEU C 210 -21.48 4.77 12.93
CA LEU C 210 -21.56 5.18 11.52
C LEU C 210 -22.55 6.37 11.41
N PRO C 211 -22.37 7.29 10.46
CA PRO C 211 -23.34 8.40 10.44
C PRO C 211 -24.76 7.90 10.24
N PRO C 212 -25.70 8.54 10.90
CA PRO C 212 -27.12 8.15 10.68
C PRO C 212 -27.45 8.34 9.24
N LYS C 213 -28.37 7.57 8.71
CA LYS C 213 -28.48 7.64 7.23
C LYS C 213 -28.81 8.96 6.61
N GLY C 214 -29.64 9.76 7.31
CA GLY C 214 -30.10 11.03 6.81
C GLY C 214 -29.07 12.23 6.77
N LYS C 215 -27.94 11.86 7.30
CA LYS C 215 -26.72 12.69 7.25
C LYS C 215 -26.23 12.78 5.82
N LEU C 216 -25.88 11.67 5.15
CA LEU C 216 -25.54 11.70 3.74
C LEU C 216 -26.62 12.39 2.86
N ARG C 217 -27.87 12.02 3.11
CA ARG C 217 -29.00 12.65 2.41
C ARG C 217 -28.99 14.19 2.53
N SER C 218 -28.87 14.71 3.75
CA SER C 218 -28.81 16.13 4.00
C SER C 218 -27.65 16.84 3.25
N LEU C 219 -26.47 16.22 3.27
CA LEU C 219 -25.34 16.81 2.53
C LEU C 219 -25.64 16.92 1.04
N CYS C 220 -26.23 15.86 0.47
CA CYS C 220 -26.57 15.89 -0.96
C CYS C 220 -27.67 16.86 -1.24
N SER C 221 -28.63 16.97 -0.33
CA SER C 221 -29.73 17.95 -0.47
C SER C 221 -29.16 19.34 -0.44
N GLN C 222 -28.25 19.60 0.48
CA GLN C 222 -27.64 20.92 0.55
C GLN C 222 -26.86 21.26 -0.78
N HIS C 223 -26.12 20.28 -1.30
CA HIS C 223 -25.44 20.43 -2.59
C HIS C 223 -26.40 20.87 -3.67
N VAL C 224 -27.48 20.12 -3.83
CA VAL C 224 -28.56 20.51 -4.79
C VAL C 224 -29.10 21.93 -4.57
N GLU C 225 -29.35 22.33 -3.32
CA GLU C 225 -29.85 23.70 -3.01
C GLU C 225 -28.85 24.79 -3.35
N ARG C 226 -27.58 24.58 -2.99
CA ARG C 226 -26.55 25.55 -3.35
C ARG C 226 -26.33 25.63 -4.85
N LEU C 227 -26.48 24.51 -5.55
CA LEU C 227 -26.34 24.52 -7.03
C LEU C 227 -27.45 25.34 -7.64
N GLN C 228 -28.69 25.14 -7.15
CA GLN C 228 -29.82 25.95 -7.61
C GLN C 228 -29.54 27.45 -7.40
N ILE C 229 -28.93 27.84 -6.28
CA ILE C 229 -28.61 29.23 -6.03
C ILE C 229 -27.58 29.72 -7.06
N PHE C 230 -26.55 28.92 -7.24
CA PHE C 230 -25.51 29.28 -8.19
C PHE C 230 -26.07 29.40 -9.61
N GLN C 231 -26.90 28.44 -10.00
CA GLN C 231 -27.48 28.37 -11.34
C GLN C 231 -28.33 29.61 -11.62
N HIS C 232 -29.08 30.07 -10.62
CA HIS C 232 -29.81 31.34 -10.73
C HIS C 232 -28.87 32.57 -10.82
N LEU C 233 -27.72 32.52 -10.18
CA LEU C 233 -26.73 33.60 -10.33
C LEU C 233 -26.00 33.58 -11.66
N HIS C 234 -25.70 32.39 -12.16
CA HIS C 234 -24.89 32.17 -13.36
C HIS C 234 -25.43 31.05 -14.25
N PRO C 235 -26.59 31.25 -14.85
CA PRO C 235 -27.26 30.09 -15.58
C PRO C 235 -26.50 29.69 -16.85
N ILE C 236 -25.93 30.65 -17.56
CA ILE C 236 -25.19 30.28 -18.77
C ILE C 236 -23.95 29.47 -18.46
N VAL C 237 -23.24 29.76 -17.37
CA VAL C 237 -22.02 28.97 -16.99
C VAL C 237 -22.30 27.49 -16.83
N VAL C 238 -23.38 27.12 -16.19
CA VAL C 238 -23.74 25.71 -16.03
C VAL C 238 -23.96 25.05 -17.39
N GLN C 239 -24.80 25.62 -18.24
CA GLN C 239 -25.05 25.00 -19.53
C GLN C 239 -23.79 25.02 -20.42
N ALA C 240 -22.94 26.04 -20.26
CA ALA C 240 -21.76 26.18 -21.13
C ALA C 240 -20.57 25.40 -20.69
N ALA C 241 -20.33 25.32 -19.40
CA ALA C 241 -19.01 24.92 -18.88
C ALA C 241 -19.13 23.81 -17.85
N PHE C 242 -20.26 23.49 -17.23
CA PHE C 242 -20.28 22.32 -16.34
C PHE C 242 -20.31 20.97 -17.13
N PRO C 243 -19.78 19.88 -16.50
CA PRO C 243 -19.85 18.60 -17.20
C PRO C 243 -21.29 18.18 -17.33
N PRO C 244 -21.66 17.68 -18.51
CA PRO C 244 -22.99 17.09 -18.77
C PRO C 244 -23.44 16.07 -17.75
N LEU C 245 -22.55 15.17 -17.33
CA LEU C 245 -22.94 14.21 -16.28
C LEU C 245 -23.37 14.91 -14.98
N TYR C 246 -22.63 15.95 -14.59
CA TYR C 246 -22.95 16.71 -13.38
C TYR C 246 -24.35 17.34 -13.49
N LYS C 247 -24.64 17.99 -14.62
CA LYS C 247 -25.96 18.52 -14.90
C LYS C 247 -27.05 17.45 -14.79
N GLU C 248 -26.80 16.29 -15.40
CA GLU C 248 -27.76 15.18 -15.38
C GLU C 248 -28.05 14.68 -13.99
N LEU C 249 -27.00 14.55 -13.19
CA LEU C 249 -27.18 14.05 -11.81
C LEU C 249 -27.81 15.07 -10.86
N PHE C 250 -27.55 16.34 -11.05
CA PHE C 250 -27.84 17.34 -9.99
C PHE C 250 -28.68 18.51 -10.37
N SER C 251 -29.05 18.63 -11.66
CA SER C 251 -29.74 19.88 -12.18
C SER C 251 -31.23 19.59 -12.31
N THR C 252 -32.09 20.43 -11.68
CA THR C 252 -33.57 20.14 -11.55
C THR C 252 -34.45 21.19 -12.26
N PHE D 5 -31.20 9.93 -19.57
CA PHE D 5 -29.83 9.99 -18.89
C PHE D 5 -28.70 9.48 -19.76
N PRO D 6 -28.50 10.09 -20.94
CA PRO D 6 -27.54 9.59 -21.93
C PRO D 6 -26.15 9.28 -21.40
N TYR D 7 -25.59 10.23 -20.65
CA TYR D 7 -24.18 10.28 -20.26
C TYR D 7 -23.84 9.26 -19.15
N LEU D 8 -24.82 8.95 -18.32
CA LEU D 8 -24.70 7.99 -17.24
C LEU D 8 -24.84 6.56 -17.81
N LEU D 9 -25.81 6.39 -18.71
CA LEU D 9 -25.97 5.13 -19.48
C LEU D 9 -24.78 4.90 -20.37
N SER D 10 -24.24 5.97 -20.89
CA SER D 10 -23.08 5.86 -21.67
C SER D 10 -21.90 5.36 -20.86
N LEU D 11 -21.66 5.95 -19.70
CA LEU D 11 -20.75 5.37 -18.73
C LEU D 11 -20.99 3.90 -18.35
N LEU D 12 -22.22 3.54 -17.99
CA LEU D 12 -22.59 2.16 -17.58
C LEU D 12 -22.36 1.14 -18.68
N GLY D 13 -22.56 1.61 -19.91
CA GLY D 13 -22.23 0.93 -21.11
C GLY D 13 -20.76 0.75 -21.47
N GLU D 14 -19.78 1.39 -20.86
CA GLU D 14 -18.40 1.29 -21.40
C GLU D 14 -17.72 0.00 -21.02
N VAL D 15 -17.25 -0.74 -22.02
CA VAL D 15 -16.52 -1.97 -21.79
C VAL D 15 -15.03 -1.71 -21.80
N SER D 16 -14.30 -2.18 -20.80
CA SER D 16 -12.85 -2.07 -20.84
C SER D 16 -12.31 -3.19 -21.73
O13 444 E . 18.21 2.91 4.00
S12 444 E . 18.74 1.69 3.33
O14 444 E . 17.85 0.53 3.64
C01 444 E . 18.76 1.87 1.88
C02 444 E . 19.09 0.78 1.11
C03 444 E . 19.12 0.94 -0.25
C04 444 E . 18.83 2.15 -0.84
C05 444 E . 18.51 3.23 -0.06
C06 444 E . 18.49 3.10 1.32
N15 444 E . 20.31 1.54 3.83
C16 444 E . 20.30 1.48 5.32
C19 444 E . 21.65 1.90 5.91
F22 444 E . 22.11 2.69 5.24
F21 444 E . 21.51 2.37 7.04
F20 444 E . 22.43 0.88 6.01
C23 444 E . 21.14 0.54 3.46
C24 444 E . 22.49 0.86 3.35
C25 444 E . 23.42 -0.10 3.03
C28 444 E . 20.74 -0.79 3.30
C27 444 E . 21.69 -1.74 2.98
C26 444 E . 23.05 -1.43 2.83
C33 444 E . 24.00 -2.46 2.55
C34 444 E . 25.45 -2.09 2.95
F36 444 E . 25.97 -1.54 2.08
F37 444 E . 25.53 -1.34 4.03
F35 444 E . 26.08 -3.15 3.26
O42 444 E . 23.75 -3.43 3.46
C38 444 E . 23.79 -3.39 1.35
F39 444 E . 23.34 -3.12 0.82
F40 444 E . 23.39 -4.21 1.69
F41 444 E . 24.61 -3.66 0.97
O13 444 F . -19.90 20.83 -2.17
S12 444 F . -18.88 20.21 -3.05
O14 444 F . -19.23 18.76 -3.13
C01 444 F . -19.09 20.88 -4.40
C02 444 F . -19.41 22.22 -4.43
C03 444 F . -19.59 22.78 -5.67
C04 444 F . -19.46 22.05 -6.83
C05 444 F . -19.15 20.73 -6.78
C06 444 F . -18.96 20.15 -5.56
N15 444 F . -17.21 20.43 -2.47
C16 444 F . -17.25 20.43 -0.99
C19 444 F . -15.99 20.95 -0.33
F22 444 F . -16.10 21.04 0.52
F21 444 F . -15.14 20.27 -0.53
F20 444 F . -15.80 21.77 -0.67
C23 444 F . -16.30 19.51 -2.80
C24 444 F . -16.63 18.18 -2.77
C25 444 F . -15.68 17.21 -3.08
C28 444 F . -15.00 19.85 -3.15
C27 444 F . -14.05 18.88 -3.46
C26 444 F . -14.40 17.54 -3.44
C33 444 F . -13.51 16.47 -3.73
C34 444 F . -12.05 16.77 -3.81
F36 444 F . -11.55 15.78 -3.29
F37 444 F . -11.66 16.89 -4.99
F35 444 F . -11.76 17.57 -3.24
O42 444 F . -13.48 15.63 -2.65
C38 444 F . -13.94 15.55 -4.86
F39 444 F . -14.74 15.30 -4.80
F40 444 F . -13.32 14.68 -4.83
F41 444 F . -13.80 15.97 -5.64
#